data_2QUW
#
_entry.id   2QUW
#
_cell.length_a   28.030
_cell.length_b   53.140
_cell.length_c   72.050
_cell.angle_alpha   74.240
_cell.angle_beta   81.370
_cell.angle_gamma   75.650
#
_symmetry.space_group_name_H-M   'P 1'
#
loop_
_entity.id
_entity.type
_entity.pdbx_description
1 polymer 'Hammerhead ribozyme, cleaved fragment'
2 polymer 'Hammerhead ribozyme, cleaved fragment'
3 non-polymer 'MAGNESIUM ION'
4 water water
#
loop_
_entity_poly.entity_id
_entity_poly.type
_entity_poly.pdbx_seq_one_letter_code
_entity_poly.pdbx_strand_id
1 'polyribonucleotide' (GTP)GGAGCCCUGU(CCC) A,C
2 'polyribonucleotide' ACCGGAUGUGCUUUCCGGUCUGAUGAGUCCGUGAGGACAAAACAGGGCUCCCGAAUU B,D
#
loop_
_chem_comp.id
_chem_comp.type
_chem_comp.name
_chem_comp.formula
A RNA linking ADENOSINE-5'-MONOPHOSPHATE 'C10 H14 N5 O7 P'
C RNA linking CYTIDINE-5'-MONOPHOSPHATE 'C9 H14 N3 O8 P'
CCC RNA linking 'CYTIDINE-5'-PHOSPHATE-2',3'-CYCLIC PHOSPHATE' 'C9 H13 N3 O10 P2'
G RNA linking GUANOSINE-5'-MONOPHOSPHATE 'C10 H14 N5 O8 P'
GTP non-polymer GUANOSINE-5'-TRIPHOSPHATE 'C10 H16 N5 O14 P3'
MG non-polymer 'MAGNESIUM ION' 'Mg 2'
U RNA linking URIDINE-5'-MONOPHOSPHATE 'C9 H13 N2 O9 P'
#
# COMPACT_ATOMS: atom_id res chain seq x y z
PG GTP A 1 -13.97 11.14 6.89
O1G GTP A 1 -13.87 9.70 7.32
O2G GTP A 1 -12.58 11.75 6.78
O3G GTP A 1 -14.76 11.91 7.93
O3B GTP A 1 -14.68 11.20 5.44
PB GTP A 1 -15.96 10.31 5.04
O1B GTP A 1 -15.91 10.04 3.56
O2B GTP A 1 -16.05 9.01 5.80
O3A GTP A 1 -17.24 11.24 5.40
PA GTP A 1 -17.26 12.86 5.30
O1A GTP A 1 -16.03 13.49 5.92
O2A GTP A 1 -18.49 13.40 5.99
O5' GTP A 1 -17.25 13.19 3.72
C5' GTP A 1 -18.05 12.45 2.82
C4' GTP A 1 -18.63 13.38 1.75
O4' GTP A 1 -19.39 14.42 2.34
C3' GTP A 1 -17.58 14.11 0.94
O3' GTP A 1 -17.05 13.34 -0.08
C2' GTP A 1 -18.37 15.27 0.40
O2' GTP A 1 -19.29 14.85 -0.58
C1' GTP A 1 -19.22 15.62 1.60
N9 GTP A 1 -18.57 16.67 2.40
C8 GTP A 1 -18.10 16.55 3.68
N7 GTP A 1 -17.58 17.74 4.07
C5 GTP A 1 -17.71 18.62 3.06
C6 GTP A 1 -17.36 19.96 2.94
O6 GTP A 1 -16.82 20.54 3.89
N1 GTP A 1 -17.61 20.62 1.77
C2 GTP A 1 -18.22 19.95 0.72
N2 GTP A 1 -18.48 20.57 -0.42
N3 GTP A 1 -18.58 18.62 0.84
C4 GTP A 1 -18.33 17.97 2.00
PC CCC A 12 15.03 8.68 -7.88
O1C CCC A 12 16.33 8.12 -8.25
O2C CCC A 12 14.52 9.50 -8.99
P CCC A 12 13.66 5.72 -1.79
OP1 CCC A 12 13.98 4.31 -2.04
OP2 CCC A 12 14.54 6.29 -0.79
O5' CCC A 12 13.78 6.47 -3.17
C5' CCC A 12 13.43 5.79 -4.33
C4' CCC A 12 13.04 6.80 -5.39
O4' CCC A 12 12.28 7.94 -4.82
C3' CCC A 12 14.27 7.31 -6.04
O3' CCC A 12 14.07 7.49 -7.49
C2' CCC A 12 14.44 8.72 -5.47
O2' CCC A 12 15.07 9.53 -6.50
C1' CCC A 12 12.99 9.18 -5.16
N1 CCC A 12 12.95 10.16 -4.03
C2 CCC A 12 12.45 11.48 -4.20
O2 CCC A 12 12.01 11.89 -5.24
N3 CCC A 12 12.50 12.35 -3.13
C4 CCC A 12 13.00 11.95 -1.92
N4 CCC A 12 12.99 12.90 -0.83
C5 CCC A 12 13.48 10.65 -1.73
C6 CCC A 12 13.44 9.77 -2.81
PG GTP C 1 17.18 -17.60 7.51
O1G GTP C 1 15.96 -18.43 7.18
O2G GTP C 1 18.12 -17.62 6.33
O3G GTP C 1 17.86 -18.16 8.79
O3B GTP C 1 16.69 -16.05 7.73
PB GTP C 1 16.67 -14.87 6.61
O1B GTP C 1 15.38 -14.09 6.69
O2B GTP C 1 17.87 -13.95 6.81
O3A GTP C 1 16.76 -15.53 5.14
PA GTP C 1 15.72 -16.66 4.64
O1A GTP C 1 14.60 -16.81 5.66
O2A GTP C 1 16.38 -18.00 4.41
O5' GTP C 1 15.17 -16.02 3.25
C5' GTP C 1 15.70 -16.53 2.03
C4' GTP C 1 16.30 -15.48 1.09
O4' GTP C 1 17.34 -16.09 0.32
C3' GTP C 1 15.32 -14.97 0.04
O3' GTP C 1 14.47 -13.86 0.39
C2' GTP C 1 16.24 -14.66 -1.13
O2' GTP C 1 16.93 -13.44 -0.99
C1' GTP C 1 17.26 -15.78 -1.09
N9 GTP C 1 16.78 -16.89 -2.00
C8 GTP C 1 16.18 -18.07 -1.60
N7 GTP C 1 15.86 -18.82 -2.70
C5 GTP C 1 16.27 -18.15 -3.81
C6 GTP C 1 16.21 -18.47 -5.19
O6 GTP C 1 15.71 -19.53 -5.58
N1 GTP C 1 16.70 -17.57 -6.13
C2 GTP C 1 17.25 -16.39 -5.69
N2 GTP C 1 17.72 -15.53 -6.58
N3 GTP C 1 17.33 -16.10 -4.32
C4 GTP C 1 16.84 -16.95 -3.39
PC CCC C 12 -15.29 -3.92 0.65
O1C CCC C 12 -16.57 -3.43 1.13
O2C CCC C 12 -14.89 -3.13 -0.53
P CCC C 12 -13.77 -8.55 5.35
OP1 CCC C 12 -14.82 -8.30 6.35
OP2 CCC C 12 -14.02 -9.88 4.79
O5' CCC C 12 -13.83 -7.49 4.16
C5' CCC C 12 -13.27 -6.23 4.40
C4' CCC C 12 -13.02 -5.47 3.12
O4' CCC C 12 -12.28 -6.33 2.20
C3' CCC C 12 -14.30 -5.08 2.48
O3' CCC C 12 -14.23 -3.76 1.82
C2' CCC C 12 -14.52 -6.11 1.37
O2' CCC C 12 -15.30 -5.49 0.32
C1' CCC C 12 -13.07 -6.37 0.94
N1 CCC C 12 -12.95 -7.68 0.27
C2 CCC C 12 -12.55 -7.71 -1.08
O2 CCC C 12 -12.32 -6.70 -1.68
N3 CCC C 12 -12.47 -8.94 -1.72
C4 CCC C 12 -12.76 -10.07 -1.03
N4 CCC C 12 -12.67 -11.34 -1.71
C5 CCC C 12 -13.13 -10.04 0.33
C6 CCC C 12 -13.22 -8.82 0.96
MG MG E . 17.93 6.58 -6.81
MG MG F . 21.84 -4.52 -8.23
MG MG G . 33.43 1.86 -14.20
MG MG H . 15.58 17.31 -6.32
MG MG I . 17.16 10.64 -11.99
MG MG J . 5.63 8.54 -3.14
MG MG K . -29.56 16.46 0.65
MG MG L . 34.61 -0.10 -18.88
MG MG M . -1.11 13.43 1.80
MG MG N . 17.47 -5.03 -17.10
MG MG O . -10.77 -14.68 -17.48
MG MG P . 0.78 -16.40 -13.39
MG MG Q . -21.60 0.20 12.28
MG MG R . 0.48 -21.09 4.25
MG MG S . -35.32 6.07 11.94
MG MG T . -6.10 -8.18 3.10
MG MG U . -37.24 3.36 9.00
#